data_5FBJ
#
_entry.id   5FBJ
#
_cell.length_a   49.539
_cell.length_b   65.052
_cell.length_c   77.950
_cell.angle_alpha   90.00
_cell.angle_beta   90.00
_cell.angle_gamma   90.00
#
_symmetry.space_group_name_H-M   'P 21 21 21'
#
loop_
_entity.id
_entity.type
_entity.pdbx_description
1 polymer 'Lysine-specific demethylase 8'
2 non-polymer '2-OXOGLUTARIC ACID'
3 non-polymer '(2S)-2-amino-5-[(N-methylcarbamimidoyl)amino]pentanoic acid'
4 non-polymer 'ZINC ION'
5 water water
#
_entity_poly.entity_id   1
_entity_poly.type   'polypeptide(L)'
_entity_poly.pdbx_seq_one_letter_code
;GSTVPRLHRPSLQHFREQFLVPGRPVILKGVADHWPCMQKWSLEYIQEIAGCRTVPVEVGSRYTDEEWSQTLMTVNEFIS
KYIVNEPRDVGYLAQHQLFDQIPELKQDISIPDYCSLGDGEEEEITINAWFGPQGTISPLHQDPQQNFLVQVMGRKYIRL
YSPQESGALYPHDTHLLHNTSQVDVENPDLEKFPKFAKAPFLSCILSPGEILFIPVKYWHYVRALDLSFSVSFWWS
;
_entity_poly.pdbx_strand_id   A
#
# COMPACT_ATOMS: atom_id res chain seq x y z
N GLY A 1 -20.27 -3.10 2.63
CA GLY A 1 -19.83 -4.46 2.42
C GLY A 1 -19.38 -5.14 3.69
N SER A 2 -18.52 -6.15 3.55
CA SER A 2 -18.02 -6.88 4.70
C SER A 2 -16.51 -6.77 4.81
N THR A 3 -15.96 -7.26 5.92
CA THR A 3 -14.54 -7.18 6.21
C THR A 3 -13.73 -8.25 5.45
N VAL A 4 -12.53 -7.87 5.02
CA VAL A 4 -11.59 -8.80 4.43
C VAL A 4 -11.25 -9.93 5.41
N PRO A 5 -11.41 -11.19 4.96
CA PRO A 5 -11.12 -12.38 5.77
C PRO A 5 -9.71 -12.38 6.36
N ARG A 6 -9.59 -12.84 7.60
CA ARG A 6 -8.30 -12.98 8.25
C ARG A 6 -7.96 -14.44 8.47
N LEU A 7 -6.83 -14.88 7.91
CA LEU A 7 -6.40 -16.26 8.06
C LEU A 7 -5.03 -16.36 8.71
N HIS A 8 -4.95 -17.20 9.75
CA HIS A 8 -3.67 -17.46 10.40
C HIS A 8 -2.86 -18.50 9.62
N ARG A 9 -1.77 -18.04 9.02
CA ARG A 9 -0.81 -18.91 8.34
C ARG A 9 -1.43 -20.00 7.47
N PRO A 10 -2.24 -19.62 6.48
CA PRO A 10 -2.86 -20.65 5.64
C PRO A 10 -1.82 -21.37 4.79
N SER A 11 -2.05 -22.66 4.52
CA SER A 11 -1.13 -23.43 3.69
C SER A 11 -1.04 -22.85 2.29
N LEU A 12 0.04 -23.14 1.59
CA LEU A 12 0.24 -22.65 0.24
C LEU A 12 -0.89 -23.10 -0.69
N GLN A 13 -1.41 -24.29 -0.46
CA GLN A 13 -2.48 -24.84 -1.29
C GLN A 13 -3.81 -24.14 -1.05
N HIS A 14 -4.14 -23.90 0.23
CA HIS A 14 -5.39 -23.22 0.55
C HIS A 14 -5.40 -21.81 0.01
N PHE A 15 -4.26 -21.12 0.10
CA PHE A 15 -4.15 -19.77 -0.42
C PHE A 15 -4.23 -19.75 -1.94
N ARG A 16 -3.62 -20.74 -2.58
CA ARG A 16 -3.63 -20.81 -4.04
C ARG A 16 -5.04 -21.02 -4.56
N GLU A 17 -5.78 -21.95 -3.94
CA GLU A 17 -7.08 -22.36 -4.45
C GLU A 17 -8.22 -21.44 -4.05
N GLN A 18 -8.07 -20.74 -2.93
CA GLN A 18 -9.18 -19.93 -2.40
C GLN A 18 -9.04 -18.43 -2.61
N PHE A 19 -7.84 -17.96 -2.93
CA PHE A 19 -7.61 -16.53 -3.04
C PHE A 19 -6.79 -16.13 -4.25
N LEU A 20 -5.71 -16.85 -4.52
CA LEU A 20 -4.84 -16.51 -5.64
C LEU A 20 -5.50 -16.75 -6.98
N VAL A 21 -6.00 -17.97 -7.20
CA VAL A 21 -6.66 -18.32 -8.45
C VAL A 21 -7.98 -17.56 -8.68
N PRO A 22 -8.89 -17.56 -7.68
CA PRO A 22 -10.12 -16.80 -7.95
C PRO A 22 -9.96 -15.29 -7.79
N GLY A 23 -8.79 -14.85 -7.32
CA GLY A 23 -8.51 -13.44 -7.16
C GLY A 23 -9.31 -12.78 -6.04
N ARG A 24 -9.35 -13.44 -4.88
CA ARG A 24 -10.06 -12.89 -3.72
C ARG A 24 -9.08 -12.33 -2.69
N PRO A 25 -9.37 -11.13 -2.16
CA PRO A 25 -8.53 -10.50 -1.14
C PRO A 25 -8.55 -11.27 0.18
N VAL A 26 -7.46 -11.19 0.93
CA VAL A 26 -7.37 -11.87 2.22
C VAL A 26 -6.27 -11.23 3.07
N ILE A 27 -6.50 -11.19 4.39
CA ILE A 27 -5.47 -10.76 5.32
C ILE A 27 -4.79 -11.98 5.92
N LEU A 28 -3.46 -12.03 5.84
CA LEU A 28 -2.71 -13.16 6.36
C LEU A 28 -2.07 -12.81 7.71
N LYS A 29 -2.51 -13.52 8.75
CA LYS A 29 -1.98 -13.32 10.09
C LYS A 29 -0.91 -14.34 10.42
N GLY A 30 0.00 -13.98 11.31
CA GLY A 30 1.02 -14.90 11.80
C GLY A 30 2.14 -15.20 10.82
N VAL A 31 2.22 -14.41 9.75
CA VAL A 31 3.26 -14.63 8.74
C VAL A 31 4.40 -13.64 8.85
N ALA A 32 4.06 -12.35 8.89
CA ALA A 32 5.08 -11.30 8.93
C ALA A 32 5.22 -10.68 10.31
N ASP A 33 4.40 -11.14 11.24
CA ASP A 33 4.31 -10.52 12.57
C ASP A 33 5.60 -10.64 13.41
N HIS A 34 6.55 -11.44 12.96
CA HIS A 34 7.83 -11.55 13.67
C HIS A 34 9.03 -11.30 12.77
N TRP A 35 8.81 -10.65 11.63
CA TRP A 35 9.92 -10.09 10.87
C TRP A 35 10.61 -9.07 11.76
N PRO A 36 11.95 -8.98 11.68
CA PRO A 36 12.72 -8.07 12.53
C PRO A 36 12.21 -6.62 12.47
N CYS A 37 11.55 -6.25 11.38
CA CYS A 37 11.06 -4.90 11.19
C CYS A 37 9.94 -4.53 12.18
N MET A 38 9.22 -5.52 12.67
CA MET A 38 8.02 -5.27 13.48
C MET A 38 8.33 -4.65 14.84
N GLN A 39 9.51 -4.93 15.38
CA GLN A 39 9.90 -4.35 16.67
C GLN A 39 11.07 -3.37 16.54
N LYS A 40 11.80 -3.45 15.43
CA LYS A 40 12.98 -2.61 15.25
C LYS A 40 12.67 -1.27 14.60
N TRP A 41 11.69 -1.24 13.71
CA TRP A 41 11.42 -0.03 12.94
C TRP A 41 10.72 1.05 13.74
N SER A 42 11.37 2.20 13.82
CA SER A 42 10.82 3.40 14.45
C SER A 42 11.52 4.59 13.84
N LEU A 43 11.07 5.80 14.16
CA LEU A 43 11.70 7.01 13.65
C LEU A 43 13.22 7.00 13.88
N GLU A 44 13.62 6.70 15.11
CA GLU A 44 15.03 6.69 15.49
C GLU A 44 15.85 5.67 14.71
N TYR A 45 15.32 4.45 14.59
CA TYR A 45 16.02 3.42 13.84
C TYR A 45 16.10 3.76 12.36
N ILE A 46 15.01 4.31 11.82
CA ILE A 46 14.97 4.73 10.43
C ILE A 46 15.92 5.90 10.19
N GLN A 47 15.96 6.83 11.15
CA GLN A 47 16.90 7.95 11.09
C GLN A 47 18.35 7.47 11.10
N GLU A 48 18.65 6.50 11.97
CA GLU A 48 20.02 6.03 12.11
C GLU A 48 20.47 5.24 10.88
N ILE A 49 19.59 4.42 10.33
CA ILE A 49 19.96 3.56 9.23
C ILE A 49 19.80 4.21 7.85
N ALA A 50 18.97 5.24 7.76
CA ALA A 50 18.59 5.75 6.45
C ALA A 50 18.51 7.28 6.35
N GLY A 51 18.64 7.96 7.48
CA GLY A 51 18.42 9.40 7.56
C GLY A 51 19.16 10.25 6.55
N CYS A 52 20.28 9.73 6.05
CA CYS A 52 21.19 10.50 5.20
C CYS A 52 20.89 10.31 3.71
N ARG A 53 20.07 9.31 3.38
CA ARG A 53 19.84 8.93 2.00
C ARG A 53 18.77 9.77 1.32
N THR A 54 18.97 10.07 0.04
CA THR A 54 18.00 10.84 -0.74
C THR A 54 16.78 9.98 -1.09
N VAL A 55 15.60 10.54 -0.88
CA VAL A 55 14.36 9.82 -1.19
C VAL A 55 13.33 10.71 -1.89
N PRO A 56 12.52 10.13 -2.77
CA PRO A 56 11.43 10.85 -3.43
C PRO A 56 10.25 11.09 -2.48
N VAL A 57 9.71 12.31 -2.49
CA VAL A 57 8.62 12.65 -1.58
C VAL A 57 7.46 13.30 -2.32
N GLU A 58 6.27 12.72 -2.16
CA GLU A 58 5.06 13.27 -2.76
C GLU A 58 4.40 14.26 -1.80
N VAL A 59 4.16 15.48 -2.28
CA VAL A 59 3.55 16.51 -1.45
C VAL A 59 2.15 16.84 -1.94
N GLY A 60 1.19 16.82 -1.02
CA GLY A 60 -0.21 17.00 -1.36
C GLY A 60 -1.02 15.84 -0.82
N SER A 61 -2.29 16.10 -0.52
CA SER A 61 -3.16 15.10 0.10
C SER A 61 -3.34 13.88 -0.80
N ARG A 62 -3.70 14.11 -2.06
CA ARG A 62 -3.89 13.01 -3.02
C ARG A 62 -3.06 13.28 -4.28
N TYR A 63 -2.64 12.21 -4.96
CA TYR A 63 -1.81 12.39 -6.15
C TYR A 63 -2.65 12.73 -7.38
N THR A 64 -3.95 12.90 -7.17
CA THR A 64 -4.85 13.30 -8.25
C THR A 64 -5.19 14.78 -8.14
N ASP A 65 -4.66 15.44 -7.12
CA ASP A 65 -4.83 16.88 -6.96
C ASP A 65 -3.98 17.63 -7.98
N GLU A 66 -4.37 18.87 -8.28
CA GLU A 66 -3.65 19.68 -9.25
C GLU A 66 -2.42 20.34 -8.61
N GLU A 67 -2.57 20.75 -7.36
CA GLU A 67 -1.46 21.34 -6.61
C GLU A 67 -0.65 20.25 -5.91
N TRP A 68 -0.43 19.15 -6.62
CA TRP A 68 0.31 18.01 -6.11
C TRP A 68 1.66 17.92 -6.81
N SER A 69 2.70 17.51 -6.09
CA SER A 69 4.04 17.52 -6.66
C SER A 69 4.97 16.46 -6.06
N GLN A 70 6.03 16.16 -6.81
CA GLN A 70 7.07 15.22 -6.35
C GLN A 70 8.40 15.95 -6.20
N THR A 71 9.03 15.80 -5.05
CA THR A 71 10.31 16.45 -4.79
C THR A 71 11.30 15.50 -4.12
N LEU A 72 12.53 15.97 -3.93
CA LEU A 72 13.58 15.14 -3.35
C LEU A 72 14.16 15.73 -2.07
N MET A 73 14.48 14.86 -1.12
CA MET A 73 15.08 15.26 0.14
C MET A 73 15.65 14.06 0.86
N THR A 74 16.39 14.30 1.94
CA THR A 74 16.90 13.21 2.76
C THR A 74 15.79 12.65 3.64
N VAL A 75 15.99 11.44 4.14
CA VAL A 75 15.02 10.81 5.02
C VAL A 75 14.80 11.65 6.27
N ASN A 76 15.89 12.15 6.86
CA ASN A 76 15.82 13.01 8.03
C ASN A 76 14.98 14.26 7.79
N GLU A 77 15.14 14.86 6.61
CA GLU A 77 14.38 16.04 6.25
C GLU A 77 12.89 15.72 6.10
N PHE A 78 12.60 14.54 5.56
CA PHE A 78 11.22 14.12 5.39
C PHE A 78 10.51 13.95 6.74
N ILE A 79 11.16 13.21 7.63
CA ILE A 79 10.61 12.97 8.97
C ILE A 79 10.45 14.28 9.73
N SER A 80 11.45 15.15 9.61
CA SER A 80 11.42 16.44 10.29
C SER A 80 10.31 17.35 9.76
N LYS A 81 10.21 17.46 8.44
CA LYS A 81 9.30 18.43 7.82
C LYS A 81 7.87 17.92 7.72
N TYR A 82 7.69 16.63 7.49
CA TYR A 82 6.36 16.11 7.18
C TYR A 82 5.82 15.13 8.21
N ILE A 83 6.50 14.97 9.34
CA ILE A 83 5.99 14.10 10.39
C ILE A 83 5.99 14.75 11.78
N VAL A 84 7.16 15.16 12.27
CA VAL A 84 7.28 15.53 13.69
C VAL A 84 7.12 17.02 14.00
N ASN A 85 7.44 17.89 13.04
CA ASN A 85 7.41 19.33 13.32
C ASN A 85 6.14 20.01 12.83
N GLU A 86 5.00 19.49 13.27
CA GLU A 86 3.67 19.99 12.88
C GLU A 86 3.61 20.34 11.39
N PRO A 87 3.50 19.31 10.54
CA PRO A 87 3.53 19.45 9.08
C PRO A 87 2.53 20.47 8.54
N ARG A 88 2.98 21.28 7.58
CA ARG A 88 2.14 22.29 6.96
C ARG A 88 1.41 21.70 5.77
N ASP A 89 1.96 20.61 5.24
CA ASP A 89 1.36 19.92 4.11
C ASP A 89 1.54 18.41 4.28
N VAL A 90 0.75 17.64 3.55
CA VAL A 90 0.89 16.19 3.55
C VAL A 90 2.08 15.78 2.70
N GLY A 91 3.06 15.15 3.35
CA GLY A 91 4.21 14.59 2.65
C GLY A 91 4.12 13.08 2.73
N TYR A 92 4.71 12.39 1.76
CA TYR A 92 4.57 10.94 1.69
C TYR A 92 5.72 10.30 0.93
N LEU A 93 6.51 9.49 1.62
CA LEU A 93 7.56 8.72 0.96
C LEU A 93 6.89 7.46 0.42
N ALA A 94 6.38 7.55 -0.81
CA ALA A 94 5.54 6.49 -1.38
C ALA A 94 6.18 5.82 -2.58
N GLN A 95 5.85 4.54 -2.77
CA GLN A 95 6.31 3.72 -3.89
C GLN A 95 7.78 3.92 -4.24
N HIS A 96 8.63 3.84 -3.23
CA HIS A 96 10.05 3.97 -3.46
C HIS A 96 10.75 2.68 -3.04
N GLN A 97 11.51 2.10 -3.96
CA GLN A 97 12.25 0.87 -3.67
C GLN A 97 13.39 1.15 -2.70
N LEU A 98 13.02 1.45 -1.47
CA LEU A 98 13.95 1.86 -0.43
C LEU A 98 14.93 0.75 -0.06
N PHE A 99 14.58 -0.48 -0.40
CA PHE A 99 15.33 -1.65 0.06
C PHE A 99 16.38 -2.09 -0.95
N ASP A 100 16.26 -1.61 -2.19
CA ASP A 100 17.32 -1.75 -3.16
C ASP A 100 18.38 -0.69 -2.88
N GLN A 101 17.91 0.48 -2.47
CA GLN A 101 18.78 1.61 -2.17
C GLN A 101 19.55 1.39 -0.86
N ILE A 102 18.88 0.80 0.12
CA ILE A 102 19.48 0.56 1.43
C ILE A 102 19.36 -0.91 1.81
N PRO A 103 20.33 -1.73 1.38
CA PRO A 103 20.33 -3.19 1.56
C PRO A 103 20.28 -3.62 3.03
N GLU A 104 20.63 -2.72 3.95
CA GLU A 104 20.61 -3.02 5.38
C GLU A 104 19.18 -3.09 5.90
N LEU A 105 18.27 -2.43 5.20
CA LEU A 105 16.87 -2.46 5.58
C LEU A 105 16.19 -3.73 5.08
N LYS A 106 16.72 -4.31 4.01
CA LYS A 106 16.13 -5.53 3.44
C LYS A 106 16.31 -6.70 4.40
N GLN A 107 17.38 -6.64 5.19
CA GLN A 107 17.61 -7.62 6.24
C GLN A 107 16.42 -7.76 7.18
N ASP A 108 15.70 -6.66 7.37
CA ASP A 108 14.61 -6.60 8.34
C ASP A 108 13.29 -7.13 7.80
N ILE A 109 13.25 -7.48 6.52
CA ILE A 109 12.05 -8.03 5.92
C ILE A 109 12.33 -9.34 5.20
N SER A 110 11.31 -9.93 4.60
CA SER A 110 11.46 -11.20 3.90
C SER A 110 10.53 -11.27 2.69
N ILE A 111 10.81 -12.21 1.80
CA ILE A 111 9.89 -12.52 0.70
C ILE A 111 8.91 -13.57 1.17
N PRO A 112 7.62 -13.22 1.24
CA PRO A 112 6.56 -14.15 1.65
C PRO A 112 6.60 -15.45 0.86
N ASP A 113 6.44 -16.58 1.55
CA ASP A 113 6.51 -17.90 0.93
C ASP A 113 5.48 -18.07 -0.19
N TYR A 114 4.41 -17.29 -0.12
CA TYR A 114 3.31 -17.43 -1.07
C TYR A 114 3.65 -16.87 -2.45
N CYS A 115 4.72 -16.10 -2.55
CA CYS A 115 5.12 -15.50 -3.82
C CYS A 115 5.61 -16.56 -4.81
N SER A 116 6.09 -17.69 -4.29
CA SER A 116 6.61 -18.75 -5.14
C SER A 116 5.49 -19.55 -5.82
N LEU A 117 4.25 -19.17 -5.55
CA LEU A 117 3.09 -19.80 -6.19
C LEU A 117 2.86 -19.20 -7.57
N GLY A 118 3.59 -18.13 -7.88
CA GLY A 118 3.41 -17.43 -9.14
C GLY A 118 4.36 -17.89 -10.23
N ASP A 119 4.36 -17.17 -11.35
CA ASP A 119 5.20 -17.52 -12.49
C ASP A 119 6.48 -16.70 -12.56
N GLY A 120 6.58 -15.68 -11.71
CA GLY A 120 7.69 -14.74 -11.78
C GLY A 120 8.91 -15.15 -10.98
N GLU A 121 10.05 -14.52 -11.28
CA GLU A 121 11.29 -14.76 -10.53
C GLU A 121 11.31 -13.96 -9.23
N GLU A 122 11.92 -14.50 -8.20
CA GLU A 122 11.88 -13.87 -6.88
C GLU A 122 12.51 -12.50 -6.84
N GLU A 123 13.61 -12.31 -7.54
CA GLU A 123 14.37 -11.11 -7.70
CA GLU A 123 14.01 -10.90 -7.44
C GLU A 123 13.83 -10.16 -8.75
N GLU A 124 12.71 -10.52 -9.36
CA GLU A 124 12.02 -9.61 -10.26
C GLU A 124 10.90 -8.93 -9.48
N ILE A 125 10.73 -9.40 -8.24
CA ILE A 125 9.71 -8.85 -7.35
C ILE A 125 10.05 -7.43 -6.95
N THR A 126 9.10 -6.53 -7.14
CA THR A 126 9.28 -5.11 -6.81
C THR A 126 8.87 -4.83 -5.37
N ILE A 127 9.83 -4.43 -4.55
CA ILE A 127 9.56 -4.12 -3.15
C ILE A 127 9.56 -2.61 -2.92
N ASN A 128 8.41 -2.06 -2.57
CA ASN A 128 8.28 -0.63 -2.34
C ASN A 128 8.01 -0.28 -0.88
N ALA A 129 8.47 0.89 -0.47
CA ALA A 129 8.22 1.38 0.88
C ALA A 129 7.14 2.45 0.87
N TRP A 130 6.31 2.46 1.91
CA TRP A 130 5.27 3.46 2.07
C TRP A 130 5.37 4.09 3.45
N PHE A 131 6.11 5.19 3.53
CA PHE A 131 6.42 5.81 4.81
C PHE A 131 5.91 7.24 4.86
N GLY A 132 5.00 7.50 5.78
CA GLY A 132 4.41 8.82 5.93
C GLY A 132 3.61 9.00 7.21
N PRO A 133 3.15 10.23 7.45
CA PRO A 133 2.39 10.55 8.66
C PRO A 133 0.94 10.12 8.57
N GLN A 134 0.19 10.36 9.64
CA GLN A 134 -1.24 10.13 9.66
C GLN A 134 -1.95 11.00 8.62
N GLY A 135 -2.81 10.40 7.82
CA GLY A 135 -3.64 11.16 6.90
C GLY A 135 -3.27 11.08 5.43
N THR A 136 -2.18 10.37 5.12
CA THR A 136 -1.80 10.19 3.72
C THR A 136 -2.87 9.40 3.01
N ILE A 137 -3.26 9.85 1.82
CA ILE A 137 -4.31 9.17 1.07
C ILE A 137 -3.84 8.72 -0.30
N SER A 138 -4.09 7.45 -0.59
CA SER A 138 -3.83 6.88 -1.90
C SER A 138 -5.16 6.66 -2.59
N PRO A 139 -5.50 7.51 -3.57
CA PRO A 139 -6.81 7.42 -4.22
C PRO A 139 -7.03 6.07 -4.91
N LEU A 140 -8.30 5.77 -5.19
CA LEU A 140 -8.70 4.49 -5.77
C LEU A 140 -7.98 4.20 -7.09
N HIS A 141 -7.27 3.08 -7.14
CA HIS A 141 -6.51 2.70 -8.33
C HIS A 141 -6.25 1.19 -8.37
N GLN A 142 -5.71 0.71 -9.48
CA GLN A 142 -5.37 -0.70 -9.62
C GLN A 142 -3.94 -0.88 -10.12
N ASP A 143 -3.34 -2.02 -9.78
CA ASP A 143 -1.96 -2.31 -10.19
C ASP A 143 -1.90 -3.57 -11.04
N PRO A 144 -0.92 -3.64 -11.97
CA PRO A 144 -0.84 -4.74 -12.93
C PRO A 144 -0.23 -6.03 -12.39
N GLN A 145 -0.01 -6.11 -11.08
CA GLN A 145 0.55 -7.32 -10.47
C GLN A 145 -0.13 -7.68 -9.17
N GLN A 146 0.12 -8.91 -8.70
CA GLN A 146 -0.32 -9.34 -7.38
C GLN A 146 0.41 -8.51 -6.33
N ASN A 147 -0.21 -8.31 -5.18
CA ASN A 147 0.39 -7.48 -4.14
C ASN A 147 0.24 -8.05 -2.74
N PHE A 148 1.37 -8.15 -2.04
CA PHE A 148 1.38 -8.42 -0.61
C PHE A 148 1.74 -7.13 0.13
N LEU A 149 0.73 -6.48 0.70
CA LEU A 149 0.96 -5.23 1.43
C LEU A 149 1.12 -5.50 2.92
N VAL A 150 2.35 -5.41 3.40
CA VAL A 150 2.66 -5.71 4.80
C VAL A 150 2.71 -4.44 5.65
N GLN A 151 1.91 -4.43 6.71
CA GLN A 151 1.84 -3.28 7.61
C GLN A 151 2.84 -3.42 8.75
N VAL A 152 3.69 -2.41 8.92
CA VAL A 152 4.72 -2.44 9.95
C VAL A 152 4.43 -1.43 11.07
N MET A 153 4.32 -0.16 10.70
CA MET A 153 3.98 0.88 11.64
C MET A 153 2.58 1.44 11.38
N GLY A 154 1.87 1.75 12.46
CA GLY A 154 0.55 2.36 12.36
C GLY A 154 -0.50 1.50 11.67
N ARG A 155 -1.69 2.07 11.55
CA ARG A 155 -2.81 1.36 10.92
C ARG A 155 -3.23 2.05 9.63
N LYS A 156 -3.87 1.29 8.75
CA LYS A 156 -4.36 1.83 7.50
C LYS A 156 -5.78 1.35 7.18
N TYR A 157 -6.65 2.30 6.88
CA TYR A 157 -8.01 1.98 6.44
C TYR A 157 -7.99 1.77 4.93
N ILE A 158 -8.45 0.61 4.49
CA ILE A 158 -8.35 0.24 3.09
C ILE A 158 -9.68 -0.20 2.48
N ARG A 159 -10.03 0.36 1.33
CA ARG A 159 -11.23 -0.01 0.60
C ARG A 159 -10.87 -0.78 -0.65
N LEU A 160 -11.58 -1.88 -0.90
CA LEU A 160 -11.28 -2.75 -2.04
C LEU A 160 -12.47 -2.95 -2.97
N TYR A 161 -12.28 -2.66 -4.24
CA TYR A 161 -13.32 -2.89 -5.25
C TYR A 161 -12.83 -3.87 -6.31
N SER A 162 -13.64 -4.90 -6.56
CA SER A 162 -13.31 -5.91 -7.56
C SER A 162 -13.24 -5.29 -8.96
N PRO A 163 -12.36 -5.83 -9.82
CA PRO A 163 -12.20 -5.33 -11.20
C PRO A 163 -13.49 -5.39 -12.01
N GLN A 164 -14.42 -6.24 -11.61
CA GLN A 164 -15.72 -6.35 -12.27
C GLN A 164 -16.52 -5.06 -12.10
N GLU A 165 -16.25 -4.35 -11.02
CA GLU A 165 -16.98 -3.11 -10.70
C GLU A 165 -16.34 -1.88 -11.34
N SER A 166 -15.42 -2.10 -12.28
CA SER A 166 -14.65 -1.02 -12.90
C SER A 166 -15.51 0.07 -13.52
N GLY A 167 -16.68 -0.31 -14.02
CA GLY A 167 -17.59 0.63 -14.64
C GLY A 167 -18.09 1.68 -13.67
N ALA A 168 -18.40 1.24 -12.45
CA ALA A 168 -18.96 2.13 -11.43
C ALA A 168 -17.89 2.94 -10.71
N LEU A 169 -16.63 2.80 -11.15
CA LEU A 169 -15.53 3.50 -10.51
C LEU A 169 -15.02 4.67 -11.35
N TYR A 170 -15.52 4.75 -12.59
CA TYR A 170 -15.21 5.84 -13.51
C TYR A 170 -13.72 6.13 -13.67
N PRO A 171 -12.97 5.20 -14.30
CA PRO A 171 -11.53 5.39 -14.49
C PRO A 171 -11.22 6.59 -15.36
N HIS A 172 -10.08 7.23 -15.17
CA HIS A 172 -9.70 8.41 -15.95
C HIS A 172 -9.57 8.11 -17.43
N ASP A 173 -10.02 9.05 -18.25
CA ASP A 173 -10.03 8.89 -19.69
C ASP A 173 -8.75 9.45 -20.30
N THR A 174 -7.59 8.85 -19.99
CA THR A 174 -6.31 9.51 -20.26
C THR A 174 -5.18 8.65 -20.84
N HIS A 175 -5.41 7.34 -20.75
CA HIS A 175 -4.44 6.25 -20.79
C HIS A 175 -3.61 6.27 -19.52
N LEU A 176 -2.93 7.39 -19.32
CA LEU A 176 -1.88 7.53 -18.32
C LEU A 176 -2.46 7.30 -16.94
N LEU A 177 -3.67 7.80 -16.75
CA LEU A 177 -4.34 7.62 -15.49
C LEU A 177 -5.53 6.67 -15.58
N HIS A 178 -5.56 5.80 -16.60
CA HIS A 178 -6.75 5.00 -16.86
C HIS A 178 -6.86 3.91 -15.78
N ASN A 179 -5.79 3.73 -15.02
CA ASN A 179 -5.78 2.80 -13.90
C ASN A 179 -6.14 3.49 -12.58
N THR A 180 -6.55 4.75 -12.67
CA THR A 180 -6.91 5.51 -11.48
C THR A 180 -8.35 6.02 -11.58
N SER A 181 -9.13 5.77 -10.53
CA SER A 181 -10.52 6.20 -10.47
C SER A 181 -10.63 7.72 -10.38
N GLN A 182 -11.78 8.25 -10.80
CA GLN A 182 -12.07 9.67 -10.69
C GLN A 182 -12.78 10.02 -9.39
N VAL A 183 -13.20 8.97 -8.68
CA VAL A 183 -14.05 9.12 -7.49
C VAL A 183 -13.25 9.26 -6.20
N ASP A 184 -13.63 10.23 -5.37
CA ASP A 184 -13.08 10.31 -4.03
C ASP A 184 -13.87 9.35 -3.14
N VAL A 185 -13.25 8.22 -2.80
CA VAL A 185 -13.94 7.13 -2.14
C VAL A 185 -14.69 7.51 -0.86
N GLU A 186 -14.06 8.32 -0.02
CA GLU A 186 -14.64 8.66 1.27
C GLU A 186 -15.51 9.91 1.20
N ASN A 187 -15.62 10.50 0.00
CA ASN A 187 -16.56 11.58 -0.23
C ASN A 187 -16.93 11.68 -1.71
N PRO A 188 -17.70 10.69 -2.20
CA PRO A 188 -18.00 10.57 -3.64
C PRO A 188 -19.03 11.59 -4.13
N ASP A 189 -18.70 12.28 -5.22
CA ASP A 189 -19.65 13.14 -5.90
C ASP A 189 -20.66 12.25 -6.63
N LEU A 190 -21.74 11.90 -5.94
CA LEU A 190 -22.75 11.00 -6.49
C LEU A 190 -23.54 11.65 -7.62
N GLU A 191 -23.52 12.98 -7.67
CA GLU A 191 -24.20 13.69 -8.75
C GLU A 191 -23.42 13.58 -10.06
N LYS A 192 -22.11 13.38 -9.96
CA LYS A 192 -21.29 13.18 -11.15
C LYS A 192 -20.98 11.70 -11.37
N PHE A 193 -20.92 10.95 -10.28
CA PHE A 193 -20.66 9.51 -10.35
C PHE A 193 -21.69 8.69 -9.59
N PRO A 194 -22.94 8.62 -10.12
CA PRO A 194 -24.01 7.94 -9.38
C PRO A 194 -23.86 6.42 -9.24
N LYS A 195 -23.13 5.75 -10.13
CA LYS A 195 -23.02 4.30 -10.04
C LYS A 195 -22.06 3.81 -8.95
N PHE A 196 -21.26 4.71 -8.39
CA PHE A 196 -20.30 4.32 -7.36
C PHE A 196 -20.98 3.84 -6.09
N ALA A 197 -22.22 4.29 -5.88
CA ALA A 197 -22.94 4.01 -4.65
C ALA A 197 -23.33 2.54 -4.49
N LYS A 198 -23.84 1.91 -5.55
CA LYS A 198 -24.33 0.55 -5.43
C LYS A 198 -23.23 -0.49 -5.65
N ALA A 199 -22.04 -0.02 -5.99
CA ALA A 199 -20.89 -0.90 -6.14
C ALA A 199 -20.50 -1.50 -4.79
N PRO A 200 -20.54 -2.84 -4.70
CA PRO A 200 -20.17 -3.55 -3.47
C PRO A 200 -18.65 -3.54 -3.27
N PHE A 201 -18.21 -3.63 -2.01
CA PHE A 201 -16.79 -3.59 -1.73
C PHE A 201 -16.41 -4.37 -0.47
N LEU A 202 -15.12 -4.63 -0.33
CA LEU A 202 -14.56 -5.12 0.92
C LEU A 202 -13.72 -4.01 1.54
N SER A 203 -13.59 -4.03 2.85
CA SER A 203 -12.73 -3.06 3.53
C SER A 203 -12.14 -3.63 4.81
N CYS A 204 -11.15 -2.94 5.35
CA CYS A 204 -10.48 -3.40 6.56
C CYS A 204 -9.60 -2.31 7.15
N ILE A 205 -9.32 -2.42 8.43
CA ILE A 205 -8.25 -1.64 9.06
C ILE A 205 -7.04 -2.54 9.17
N LEU A 206 -5.97 -2.21 8.43
CA LEU A 206 -4.78 -3.05 8.42
C LEU A 206 -3.84 -2.64 9.54
N SER A 207 -3.50 -3.60 10.40
CA SER A 207 -2.71 -3.32 11.59
C SER A 207 -1.29 -3.90 11.49
N PRO A 208 -0.36 -3.38 12.31
CA PRO A 208 1.03 -3.87 12.29
C PRO A 208 1.15 -5.39 12.46
N GLY A 209 1.85 -6.02 11.53
CA GLY A 209 2.04 -7.46 11.55
C GLY A 209 1.15 -8.18 10.56
N GLU A 210 0.17 -7.47 10.02
CA GLU A 210 -0.78 -8.06 9.10
C GLU A 210 -0.38 -7.85 7.64
N ILE A 211 -0.62 -8.87 6.82
CA ILE A 211 -0.39 -8.77 5.39
C ILE A 211 -1.71 -8.73 4.62
N LEU A 212 -1.87 -7.73 3.76
CA LEU A 212 -3.04 -7.68 2.90
C LEU A 212 -2.70 -8.17 1.51
N PHE A 213 -3.33 -9.27 1.09
CA PHE A 213 -3.19 -9.75 -0.27
C PHE A 213 -4.16 -9.01 -1.18
N ILE A 214 -3.60 -8.20 -2.08
CA ILE A 214 -4.40 -7.51 -3.07
C ILE A 214 -4.24 -8.19 -4.42
N PRO A 215 -5.28 -8.89 -4.88
CA PRO A 215 -5.30 -9.58 -6.17
C PRO A 215 -4.92 -8.64 -7.31
N VAL A 216 -4.30 -9.18 -8.36
CA VAL A 216 -3.92 -8.37 -9.51
C VAL A 216 -5.15 -7.65 -10.07
N LYS A 217 -4.97 -6.36 -10.37
CA LYS A 217 -6.01 -5.50 -10.93
C LYS A 217 -7.15 -5.17 -9.97
N TYR A 218 -7.03 -5.60 -8.72
CA TYR A 218 -8.05 -5.28 -7.71
C TYR A 218 -7.89 -3.83 -7.28
N TRP A 219 -8.96 -3.05 -7.40
CA TRP A 219 -8.94 -1.63 -7.03
C TRP A 219 -8.80 -1.47 -5.52
N HIS A 220 -7.85 -0.64 -5.10
CA HIS A 220 -7.65 -0.39 -3.67
C HIS A 220 -7.49 1.09 -3.35
N TYR A 221 -8.02 1.48 -2.21
CA TYR A 221 -7.93 2.85 -1.69
C TYR A 221 -7.36 2.80 -0.27
N VAL A 222 -6.34 3.61 0.01
CA VAL A 222 -5.62 3.51 1.28
C VAL A 222 -5.45 4.85 2.00
N ARG A 223 -5.86 4.89 3.27
CA ARG A 223 -5.63 6.07 4.11
C ARG A 223 -4.95 5.69 5.43
N ALA A 224 -3.88 6.40 5.75
CA ALA A 224 -3.15 6.14 6.99
C ALA A 224 -3.89 6.73 8.19
N LEU A 225 -4.09 5.91 9.22
CA LEU A 225 -4.81 6.32 10.41
C LEU A 225 -3.85 6.82 11.49
N ASP A 226 -2.62 6.34 11.44
CA ASP A 226 -1.57 6.80 12.34
C ASP A 226 -0.30 7.06 11.54
N LEU A 227 0.78 7.38 12.23
CA LEU A 227 2.09 7.38 11.60
C LEU A 227 2.33 5.97 11.06
N SER A 228 2.41 5.84 9.75
CA SER A 228 2.38 4.53 9.12
C SER A 228 3.62 4.20 8.30
N PHE A 229 3.99 2.92 8.29
CA PHE A 229 4.99 2.42 7.37
C PHE A 229 4.52 1.09 6.81
N SER A 230 4.41 1.00 5.49
CA SER A 230 4.00 -0.23 4.83
C SER A 230 5.05 -0.70 3.83
N VAL A 231 5.11 -2.01 3.62
CA VAL A 231 6.01 -2.58 2.61
C VAL A 231 5.23 -3.44 1.62
N SER A 232 5.18 -3.01 0.37
CA SER A 232 4.42 -3.72 -0.64
C SER A 232 5.31 -4.62 -1.50
N PHE A 233 4.80 -5.81 -1.81
CA PHE A 233 5.49 -6.75 -2.67
C PHE A 233 4.71 -6.98 -3.96
N TRP A 234 5.24 -6.51 -5.07
CA TRP A 234 4.60 -6.72 -6.37
C TRP A 234 5.23 -7.91 -7.09
N TRP A 235 4.42 -8.93 -7.33
CA TRP A 235 4.91 -10.21 -7.86
C TRP A 235 3.95 -10.84 -8.86
N SER A 236 4.44 -11.82 -9.60
CA SER A 236 3.63 -12.53 -10.59
C SER A 236 4.00 -14.00 -10.65
#